data_7QKN
#
_entry.id   7QKN
#
_cell.length_a   119.749
_cell.length_b   119.749
_cell.length_c   78.705
_cell.angle_alpha   90.000
_cell.angle_beta   90.000
_cell.angle_gamma   90.000
#
_symmetry.space_group_name_H-M   'P 43 21 2'
#
loop_
_entity.id
_entity.type
_entity.pdbx_description
1 polymer 'YTH domain-containing family protein 1'
2 non-polymer ~{N}-[2-(diethylamino)ethyl]-2-sulfanyl-benzamide
3 non-polymer 1,2-ETHANEDIOL
4 non-polymer 'THIOCYANATE ION'
5 water water
#
_entity_poly.entity_id   1
_entity_poly.type   'polypeptide(L)'
_entity_poly.pdbx_seq_one_letter_code
;GSVESHPVLEKLKAAHSYNPKEFEWNLKSGRVFIIKSYSEDDIHRSIKYSIWCSTEHGNKRLDSAFRCMSSKGPVYLLFS
VNGSGHFCGVAEMKSPVDYGTSAGVWSQDKWKGKFDVQWIFVKDVPNNQLRHIRLENNDNKPVTNSRDTQEVPLEKAKQV
LKIISSYKHTTSIFDDFAHYEKRQAVVEVVRKERQSRNKQ
;
_entity_poly.pdbx_strand_id   A,B
#
loop_
_chem_comp.id
_chem_comp.type
_chem_comp.name
_chem_comp.formula
EDO non-polymer 1,2-ETHANEDIOL 'C2 H6 O2'
JVF non-polymer ~{N}-[2-(diethylamino)ethyl]-2-sulfanyl-benzamide 'C13 H20 N2 O S'
SCN non-polymer 'THIOCYANATE ION' 'C N S -1'
#
# COMPACT_ATOMS: atom_id res chain seq x y z
N GLU A 4 15.24 -25.91 -9.89
CA GLU A 4 13.83 -25.80 -10.23
C GLU A 4 13.44 -24.32 -10.46
N SER A 5 13.72 -23.80 -11.65
CA SER A 5 13.42 -22.40 -11.92
C SER A 5 12.00 -22.26 -12.47
N HIS A 6 11.37 -21.12 -12.15
CA HIS A 6 10.01 -20.88 -12.59
C HIS A 6 9.98 -20.44 -14.05
N PRO A 7 9.10 -21.00 -14.88
CA PRO A 7 9.14 -20.65 -16.31
C PRO A 7 8.89 -19.17 -16.60
N VAL A 8 8.13 -18.45 -15.77
CA VAL A 8 7.97 -17.01 -16.02
C VAL A 8 9.32 -16.32 -15.92
N LEU A 9 10.07 -16.63 -14.87
CA LEU A 9 11.36 -15.99 -14.64
C LEU A 9 12.37 -16.38 -15.70
N GLU A 10 12.38 -17.66 -16.10
CA GLU A 10 13.29 -18.06 -17.18
C GLU A 10 12.95 -17.33 -18.49
N LYS A 11 11.66 -17.11 -18.76
CA LYS A 11 11.30 -16.33 -19.95
C LYS A 11 11.79 -14.89 -19.86
N LEU A 12 11.58 -14.25 -18.70
CA LEU A 12 12.03 -12.87 -18.51
C LEU A 12 13.55 -12.77 -18.64
N LYS A 13 14.28 -13.68 -17.98
CA LYS A 13 15.74 -13.61 -18.03
C LYS A 13 16.27 -13.83 -19.44
N ALA A 14 15.59 -14.64 -20.25
CA ALA A 14 16.07 -14.82 -21.62
C ALA A 14 15.73 -13.64 -22.50
N ALA A 15 14.69 -12.87 -22.16
CA ALA A 15 14.25 -11.77 -23.00
C ALA A 15 14.85 -10.41 -22.60
N HIS A 16 15.46 -10.30 -21.43
CA HIS A 16 16.01 -9.04 -20.96
C HIS A 16 17.40 -9.29 -20.42
N SER A 17 18.25 -8.28 -20.50
CA SER A 17 19.60 -8.40 -19.96
C SER A 17 19.62 -7.68 -18.63
N TYR A 18 19.18 -8.38 -17.58
CA TYR A 18 19.16 -7.76 -16.27
C TYR A 18 20.58 -7.61 -15.76
N ASN A 19 20.79 -6.58 -14.95
CA ASN A 19 22.09 -6.32 -14.32
C ASN A 19 23.22 -6.25 -15.36
N PRO A 20 23.12 -5.36 -16.34
CA PRO A 20 24.11 -5.35 -17.42
C PRO A 20 25.48 -4.94 -16.88
N LYS A 21 26.50 -5.73 -17.21
CA LYS A 21 27.85 -5.46 -16.73
C LYS A 21 28.35 -4.12 -17.26
N GLU A 22 27.86 -3.70 -18.42
CA GLU A 22 28.18 -2.41 -18.99
C GLU A 22 26.91 -1.58 -18.85
N PHE A 23 26.96 -0.64 -17.92
CA PHE A 23 25.88 0.32 -17.72
C PHE A 23 26.57 1.64 -17.51
N GLU A 24 26.05 2.69 -18.13
CA GLU A 24 26.68 4.01 -18.04
C GLU A 24 26.08 4.75 -16.86
N TRP A 25 26.76 4.72 -15.72
CA TRP A 25 26.31 5.46 -14.54
C TRP A 25 26.66 6.95 -14.63
N ASN A 26 27.63 7.31 -15.45
CA ASN A 26 28.07 8.71 -15.56
C ASN A 26 27.23 9.39 -16.64
N LEU A 27 26.01 9.75 -16.28
CA LEU A 27 25.01 10.20 -17.24
C LEU A 27 25.37 11.55 -17.83
N LYS A 28 25.27 11.65 -19.16
CA LYS A 28 25.36 12.96 -19.79
C LYS A 28 24.14 13.79 -19.45
N SER A 29 22.98 13.16 -19.34
CA SER A 29 21.72 13.83 -19.05
C SER A 29 20.78 12.81 -18.44
N GLY A 30 19.62 13.27 -18.01
CA GLY A 30 18.63 12.42 -17.38
C GLY A 30 18.20 12.98 -16.04
N ARG A 31 17.14 12.36 -15.51
CA ARG A 31 16.56 12.67 -14.21
C ARG A 31 16.31 11.36 -13.49
N VAL A 32 16.42 11.38 -12.16
CA VAL A 32 16.40 10.17 -11.35
C VAL A 32 15.49 10.39 -10.16
N PHE A 33 14.57 9.45 -9.93
CA PHE A 33 13.60 9.56 -8.85
C PHE A 33 13.59 8.29 -8.01
N ILE A 34 13.31 8.48 -6.72
CA ILE A 34 13.09 7.36 -5.82
C ILE A 34 11.65 6.89 -5.95
N ILE A 35 11.47 5.57 -6.01
CA ILE A 35 10.16 4.94 -5.91
C ILE A 35 10.11 4.13 -4.63
N LYS A 36 9.14 4.43 -3.78
CA LYS A 36 8.85 3.63 -2.61
C LYS A 36 7.63 2.76 -2.92
N SER A 37 7.81 1.45 -2.87
CA SER A 37 6.72 0.51 -3.08
C SER A 37 6.10 0.07 -1.77
N TYR A 38 4.80 -0.23 -1.81
CA TYR A 38 4.09 -0.68 -0.63
C TYR A 38 4.43 -2.14 -0.30
N SER A 39 4.82 -2.93 -1.29
CA SER A 39 5.13 -4.32 -0.97
C SER A 39 6.03 -4.95 -2.03
N GLU A 40 6.67 -6.04 -1.62
CA GLU A 40 7.37 -6.91 -2.56
C GLU A 40 6.47 -7.34 -3.70
N ASP A 41 5.21 -7.65 -3.41
CA ASP A 41 4.31 -8.17 -4.43
C ASP A 41 4.18 -7.20 -5.57
N ASP A 42 4.17 -5.89 -5.28
CA ASP A 42 4.08 -4.89 -6.34
C ASP A 42 5.34 -4.88 -7.19
N ILE A 43 6.51 -5.03 -6.56
CA ILE A 43 7.76 -5.14 -7.33
C ILE A 43 7.69 -6.32 -8.27
N HIS A 44 7.23 -7.47 -7.75
CA HIS A 44 7.11 -8.66 -8.59
C HIS A 44 6.22 -8.40 -9.81
N ARG A 45 5.03 -7.80 -9.61
CA ARG A 45 4.17 -7.49 -10.74
C ARG A 45 4.84 -6.53 -11.72
N SER A 46 5.54 -5.52 -11.19
CA SER A 46 6.15 -4.51 -12.05
C SER A 46 7.18 -5.15 -12.98
N ILE A 47 8.00 -6.06 -12.44
CA ILE A 47 9.03 -6.73 -13.22
C ILE A 47 8.40 -7.62 -14.28
N LYS A 48 7.34 -8.35 -13.92
CA LYS A 48 6.81 -9.32 -14.88
C LYS A 48 5.98 -8.64 -15.97
N TYR A 49 5.31 -7.53 -15.66
CA TYR A 49 4.45 -6.87 -16.64
C TYR A 49 5.04 -5.56 -17.18
N SER A 50 6.19 -5.12 -16.70
CA SER A 50 6.86 -3.89 -17.17
C SER A 50 5.98 -2.65 -17.04
N ILE A 51 5.32 -2.50 -15.88
CA ILE A 51 4.49 -1.34 -15.59
C ILE A 51 4.68 -0.91 -14.13
N TRP A 52 4.31 0.33 -13.86
CA TRP A 52 4.28 0.87 -12.50
C TRP A 52 3.09 1.81 -12.36
N CYS A 53 2.59 1.96 -11.13
CA CYS A 53 1.61 2.98 -10.78
C CYS A 53 2.04 3.64 -9.48
N SER A 54 2.13 4.95 -9.48
CA SER A 54 2.37 5.64 -8.23
C SER A 54 1.04 6.14 -7.68
N THR A 55 1.08 6.98 -6.65
CA THR A 55 -0.10 7.68 -6.19
C THR A 55 -0.54 8.68 -7.26
N GLU A 56 -1.64 9.38 -7.00
CA GLU A 56 -2.13 10.34 -7.97
C GLU A 56 -1.20 11.54 -8.06
N HIS A 57 -0.72 12.04 -6.92
CA HIS A 57 0.29 13.09 -6.95
C HIS A 57 1.61 12.59 -7.50
N GLY A 58 2.03 11.39 -7.09
CA GLY A 58 3.26 10.83 -7.62
C GLY A 58 3.23 10.64 -9.12
N ASN A 59 2.09 10.18 -9.65
CA ASN A 59 1.95 9.98 -11.10
C ASN A 59 2.03 11.31 -11.84
N LYS A 60 1.50 12.40 -11.27
CA LYS A 60 1.58 13.69 -11.94
C LYS A 60 3.02 14.20 -11.98
N ARG A 61 3.77 13.98 -10.90
CA ARG A 61 5.18 14.36 -10.87
C ARG A 61 5.99 13.60 -11.91
N LEU A 62 5.79 12.28 -11.98
CA LEU A 62 6.58 11.49 -12.92
C LEU A 62 6.16 11.76 -14.35
N ASP A 63 4.85 11.94 -14.59
CA ASP A 63 4.37 12.23 -15.94
C ASP A 63 4.99 13.51 -16.47
N SER A 64 5.01 14.55 -15.63
CA SER A 64 5.60 15.83 -16.01
C SER A 64 7.09 15.70 -16.32
N ALA A 65 7.83 14.93 -15.50
CA ALA A 65 9.25 14.77 -15.72
C ALA A 65 9.52 14.05 -17.04
N PHE A 66 8.76 12.99 -17.31
CA PHE A 66 8.97 12.23 -18.54
C PHE A 66 8.70 13.09 -19.77
N ARG A 67 7.58 13.83 -19.75
CA ARG A 67 7.25 14.66 -20.91
C ARG A 67 8.22 15.82 -21.04
N CYS A 68 8.68 16.36 -19.90
CA CYS A 68 9.67 17.44 -19.95
C CYS A 68 11.01 16.93 -20.47
N MET A 69 11.36 15.68 -20.14
CA MET A 69 12.61 15.14 -20.62
C MET A 69 12.59 14.87 -22.12
N SER A 70 11.42 14.66 -22.72
CA SER A 70 11.23 14.71 -24.19
C SER A 70 12.30 13.92 -24.92
N SER A 71 12.80 12.85 -24.30
CA SER A 71 13.94 12.07 -24.77
C SER A 71 15.23 12.89 -24.92
N LYS A 72 15.37 14.01 -24.18
CA LYS A 72 16.71 14.55 -23.92
C LYS A 72 17.63 13.48 -23.33
N GLY A 73 17.06 12.56 -22.56
CA GLY A 73 17.79 11.63 -21.75
C GLY A 73 16.82 10.77 -20.98
N PRO A 74 17.34 9.80 -20.23
CA PRO A 74 16.47 8.87 -19.51
C PRO A 74 15.88 9.46 -18.23
N VAL A 75 14.78 8.85 -17.81
CA VAL A 75 14.25 8.99 -16.45
C VAL A 75 14.42 7.63 -15.79
N TYR A 76 15.28 7.55 -14.79
CA TYR A 76 15.49 6.31 -14.06
C TYR A 76 14.75 6.34 -12.73
N LEU A 77 14.30 5.18 -12.29
CA LEU A 77 13.56 5.02 -11.05
C LEU A 77 14.31 4.02 -10.17
N LEU A 78 14.64 4.45 -8.94
CA LEU A 78 15.33 3.61 -7.97
C LEU A 78 14.31 3.08 -6.98
N PHE A 79 14.12 1.76 -6.96
CA PHE A 79 13.03 1.14 -6.21
C PHE A 79 13.49 0.65 -4.85
N SER A 80 12.65 0.90 -3.84
CA SER A 80 12.80 0.38 -2.50
C SER A 80 11.41 0.10 -1.94
N VAL A 81 11.24 -1.00 -1.24
CA VAL A 81 9.97 -1.20 -0.55
C VAL A 81 10.06 -0.59 0.82
N ASN A 82 8.98 0.09 1.21
CA ASN A 82 8.90 0.72 2.51
C ASN A 82 9.37 -0.23 3.60
N GLY A 83 10.30 0.26 4.43
CA GLY A 83 10.80 -0.47 5.57
C GLY A 83 11.79 -1.57 5.27
N SER A 84 12.25 -1.73 4.02
CA SER A 84 13.01 -2.94 3.70
C SER A 84 14.49 -2.85 4.06
N GLY A 85 15.09 -1.68 4.10
CA GLY A 85 16.51 -1.62 4.37
C GLY A 85 17.42 -1.94 3.19
N HIS A 86 16.87 -2.09 1.99
CA HIS A 86 17.71 -2.17 0.81
C HIS A 86 16.94 -1.61 -0.38
N PHE A 87 17.69 -1.16 -1.39
CA PHE A 87 17.11 -0.94 -2.70
C PHE A 87 17.07 -2.27 -3.43
N CYS A 88 16.03 -2.46 -4.25
CA CYS A 88 15.82 -3.73 -4.94
C CYS A 88 15.96 -3.67 -6.44
N GLY A 89 16.10 -2.47 -7.02
CA GLY A 89 16.50 -2.41 -8.40
C GLY A 89 16.28 -1.02 -8.96
N VAL A 90 16.44 -0.96 -10.27
CA VAL A 90 16.35 0.28 -11.08
C VAL A 90 15.62 -0.03 -12.38
N ALA A 91 14.61 0.75 -12.71
CA ALA A 91 13.99 0.69 -14.03
C ALA A 91 14.07 2.04 -14.70
N GLU A 92 13.93 2.05 -16.02
CA GLU A 92 13.81 3.29 -16.78
C GLU A 92 12.34 3.52 -17.11
N MET A 93 11.84 4.73 -16.83
CA MET A 93 10.49 5.07 -17.20
C MET A 93 10.39 5.17 -18.72
N LYS A 94 9.37 4.55 -19.31
CA LYS A 94 9.38 4.36 -20.76
C LYS A 94 8.15 4.91 -21.48
N SER A 95 7.22 5.55 -20.77
CA SER A 95 6.04 6.12 -21.41
C SER A 95 5.45 7.16 -20.47
N PRO A 96 4.64 8.08 -20.98
CA PRO A 96 3.89 8.97 -20.08
C PRO A 96 2.85 8.17 -19.31
N VAL A 97 2.22 8.82 -18.34
CA VAL A 97 1.21 8.13 -17.53
C VAL A 97 -0.08 7.99 -18.33
N ASP A 98 -0.64 6.78 -18.34
CA ASP A 98 -1.89 6.49 -19.03
C ASP A 98 -2.99 6.37 -17.98
N TYR A 99 -4.07 7.12 -18.16
CA TYR A 99 -5.20 7.08 -17.23
C TYR A 99 -6.39 6.40 -17.91
N LYS A 112 -6.27 6.31 -11.66
CA LYS A 112 -5.71 4.97 -11.80
C LYS A 112 -4.53 4.89 -12.77
N GLY A 113 -3.69 5.91 -12.79
CA GLY A 113 -2.59 5.97 -13.73
C GLY A 113 -1.52 4.88 -13.72
N LYS A 114 -1.21 4.31 -14.89
CA LYS A 114 -0.09 3.38 -15.06
C LYS A 114 0.87 3.94 -16.10
N PHE A 115 2.14 3.52 -16.02
CA PHE A 115 3.07 3.82 -17.10
C PHE A 115 4.02 2.66 -17.34
N ASP A 116 4.61 2.63 -18.56
CA ASP A 116 5.56 1.58 -18.94
C ASP A 116 6.90 1.80 -18.26
N VAL A 117 7.54 0.69 -17.81
CA VAL A 117 8.89 0.73 -17.26
C VAL A 117 9.70 -0.40 -17.90
N GLN A 118 11.01 -0.18 -17.99
CA GLN A 118 11.98 -1.20 -18.41
C GLN A 118 12.92 -1.45 -17.25
N TRP A 119 12.78 -2.61 -16.63
CA TRP A 119 13.66 -2.95 -15.51
C TRP A 119 15.07 -3.22 -16.02
N ILE A 120 16.05 -2.67 -15.32
CA ILE A 120 17.44 -2.78 -15.74
C ILE A 120 18.24 -3.54 -14.71
N PHE A 121 18.24 -3.05 -13.47
CA PHE A 121 18.88 -3.76 -12.37
C PHE A 121 17.82 -4.40 -11.51
N VAL A 122 18.03 -5.68 -11.18
CA VAL A 122 17.21 -6.40 -10.20
C VAL A 122 18.21 -7.05 -9.26
N LYS A 123 18.38 -6.45 -8.08
CA LYS A 123 19.44 -6.86 -7.16
C LYS A 123 19.24 -6.06 -5.89
N ASP A 124 19.48 -6.69 -4.74
CA ASP A 124 19.36 -6.02 -3.46
C ASP A 124 20.67 -5.31 -3.15
N VAL A 125 20.59 -4.01 -2.89
CA VAL A 125 21.74 -3.22 -2.47
C VAL A 125 21.39 -2.67 -1.09
N PRO A 126 22.04 -3.16 -0.01
CA PRO A 126 21.67 -2.72 1.34
C PRO A 126 21.86 -1.22 1.55
N ASN A 127 21.04 -0.67 2.44
CA ASN A 127 21.04 0.77 2.67
C ASN A 127 22.40 1.28 3.16
N ASN A 128 23.15 0.46 3.89
CA ASN A 128 24.44 0.94 4.39
C ASN A 128 25.45 1.22 3.29
N GLN A 129 25.20 0.77 2.06
CA GLN A 129 26.06 1.08 0.95
C GLN A 129 25.75 2.44 0.34
N LEU A 130 24.58 3.01 0.63
CA LEU A 130 24.14 4.23 0.01
C LEU A 130 23.88 5.34 1.01
N ARG A 131 23.99 5.03 2.30
CA ARG A 131 23.56 5.94 3.36
C ARG A 131 24.39 7.22 3.38
N HIS A 132 25.67 7.14 2.98
CA HIS A 132 26.54 8.31 3.03
C HIS A 132 26.18 9.37 1.99
N ILE A 133 25.31 9.05 1.05
CA ILE A 133 24.91 9.98 -0.02
C ILE A 133 23.69 10.75 0.47
N ARG A 134 23.83 12.05 0.65
CA ARG A 134 22.75 12.91 1.12
C ARG A 134 22.22 13.81 0.00
N LEU A 135 20.95 14.20 0.12
CA LEU A 135 20.21 14.92 -0.93
C LEU A 135 20.02 16.36 -0.49
N GLU A 136 20.79 17.28 -1.08
CA GLU A 136 20.74 18.68 -0.68
C GLU A 136 19.35 19.29 -0.90
N ASN A 137 18.58 18.78 -1.86
CA ASN A 137 17.24 19.25 -2.13
C ASN A 137 16.18 18.62 -1.21
N ASN A 138 16.59 17.88 -0.17
CA ASN A 138 15.65 17.31 0.79
C ASN A 138 16.29 17.36 2.18
N ASP A 139 16.60 18.58 2.62
CA ASP A 139 17.14 18.89 3.97
C ASP A 139 18.38 18.07 4.29
N ASN A 140 19.17 17.74 3.27
CA ASN A 140 20.43 17.01 3.43
C ASN A 140 20.24 15.62 4.03
N LYS A 141 19.05 15.03 3.93
CA LYS A 141 18.83 13.69 4.45
C LYS A 141 19.47 12.63 3.55
N PRO A 142 19.83 11.49 4.14
CA PRO A 142 20.32 10.38 3.31
C PRO A 142 19.32 9.99 2.24
N VAL A 143 19.84 9.59 1.08
CA VAL A 143 19.03 9.12 -0.03
C VAL A 143 18.19 7.92 0.39
N THR A 144 18.64 7.19 1.40
CA THR A 144 17.93 6.05 1.99
C THR A 144 16.79 6.47 2.91
N ASN A 145 16.51 7.76 3.02
CA ASN A 145 15.41 8.29 3.83
C ASN A 145 14.49 9.13 2.96
N SER A 146 14.17 8.66 1.77
CA SER A 146 13.35 9.41 0.84
C SER A 146 11.93 8.89 0.79
N ARG A 147 11.01 9.78 0.44
CA ARG A 147 9.63 9.41 0.16
C ARG A 147 9.45 9.17 -1.34
N ASP A 148 8.28 8.66 -1.70
CA ASP A 148 8.00 8.27 -3.09
C ASP A 148 8.11 9.45 -4.05
N THR A 149 8.81 9.24 -5.17
CA THR A 149 9.09 10.22 -6.23
C THR A 149 9.98 11.37 -5.75
N GLN A 150 10.74 11.18 -4.68
CA GLN A 150 11.83 12.10 -4.38
C GLN A 150 12.82 12.12 -5.52
N GLU A 151 13.11 13.31 -6.05
CA GLU A 151 14.12 13.43 -7.11
C GLU A 151 15.52 13.52 -6.50
N VAL A 152 16.45 12.82 -7.15
CA VAL A 152 17.86 12.79 -6.76
C VAL A 152 18.63 13.72 -7.70
N PRO A 153 19.34 14.73 -7.20
CA PRO A 153 20.11 15.61 -8.10
C PRO A 153 21.11 14.80 -8.93
N LEU A 154 21.44 15.31 -10.12
CA LEU A 154 22.16 14.52 -11.11
C LEU A 154 23.46 13.96 -10.57
N GLU A 155 24.29 14.80 -9.94
CA GLU A 155 25.60 14.36 -9.47
C GLU A 155 25.45 13.29 -8.38
N LYS A 156 24.46 13.42 -7.50
CA LYS A 156 24.29 12.37 -6.52
C LYS A 156 23.64 11.14 -7.13
N ALA A 157 22.90 11.30 -8.22
CA ALA A 157 22.35 10.13 -8.90
C ALA A 157 23.46 9.32 -9.56
N LYS A 158 24.48 9.98 -10.13
CA LYS A 158 25.61 9.24 -10.69
C LYS A 158 26.28 8.39 -9.62
N GLN A 159 26.42 8.93 -8.40
CA GLN A 159 27.09 8.19 -7.33
C GLN A 159 26.26 6.97 -6.92
N VAL A 160 24.94 7.13 -6.85
CA VAL A 160 24.04 6.03 -6.50
C VAL A 160 24.06 4.97 -7.59
N LEU A 161 23.92 5.40 -8.85
CA LEU A 161 23.92 4.44 -9.95
C LEU A 161 25.26 3.70 -10.04
N LYS A 162 26.36 4.40 -9.76
CA LYS A 162 27.66 3.73 -9.75
C LYS A 162 27.70 2.63 -8.69
N ILE A 163 27.13 2.90 -7.51
CA ILE A 163 27.16 1.92 -6.41
C ILE A 163 26.24 0.75 -6.73
N ILE A 164 25.03 1.06 -7.20
CA ILE A 164 24.07 -0.01 -7.49
C ILE A 164 24.60 -0.91 -8.60
N SER A 165 25.18 -0.29 -9.64
CA SER A 165 25.66 -1.04 -10.79
C SER A 165 26.80 -1.97 -10.42
N SER A 166 27.75 -1.50 -9.62
CA SER A 166 28.91 -2.31 -9.32
C SER A 166 28.72 -3.20 -8.09
N TYR A 167 27.65 -3.03 -7.33
CA TYR A 167 27.53 -3.82 -6.10
C TYR A 167 27.42 -5.32 -6.42
N LYS A 168 28.24 -6.12 -5.73
CA LYS A 168 28.23 -7.58 -5.91
C LYS A 168 27.13 -8.17 -5.01
N HIS A 169 25.91 -8.19 -5.52
CA HIS A 169 24.77 -8.58 -4.69
C HIS A 169 24.77 -10.08 -4.44
N THR A 170 24.20 -10.44 -3.30
CA THR A 170 24.04 -11.84 -2.94
C THR A 170 22.62 -12.34 -3.17
N THR A 171 21.66 -11.44 -3.34
CA THR A 171 20.29 -11.89 -3.53
C THR A 171 19.49 -10.82 -4.25
N SER A 172 18.26 -11.19 -4.59
CA SER A 172 17.33 -10.31 -5.28
C SER A 172 15.95 -10.93 -5.14
N ILE A 173 14.93 -10.16 -5.52
CA ILE A 173 13.56 -10.67 -5.47
C ILE A 173 13.41 -11.90 -6.35
N PHE A 174 14.27 -12.05 -7.36
CA PHE A 174 14.21 -13.25 -8.20
C PHE A 174 14.41 -14.53 -7.40
N ASP A 175 15.09 -14.46 -6.25
CA ASP A 175 15.27 -15.68 -5.47
C ASP A 175 13.98 -16.15 -4.84
N ASP A 176 12.99 -15.27 -4.66
CA ASP A 176 11.68 -15.67 -4.15
C ASP A 176 10.59 -15.64 -5.22
N PHE A 177 10.97 -15.74 -6.49
CA PHE A 177 10.02 -15.51 -7.58
C PHE A 177 8.84 -16.48 -7.53
N ALA A 178 9.11 -17.77 -7.33
CA ALA A 178 8.03 -18.77 -7.33
C ALA A 178 7.06 -18.55 -6.18
N HIS A 179 7.58 -18.08 -5.06
CA HIS A 179 6.73 -17.70 -3.93
C HIS A 179 5.74 -16.61 -4.33
N TYR A 180 6.21 -15.54 -4.99
CA TYR A 180 5.30 -14.47 -5.40
C TYR A 180 4.30 -14.92 -6.46
N GLU A 181 4.72 -15.81 -7.36
CA GLU A 181 3.81 -16.36 -8.35
C GLU A 181 2.67 -17.10 -7.67
N LYS A 182 2.99 -17.95 -6.69
CA LYS A 182 1.97 -18.70 -6.00
C LYS A 182 1.04 -17.80 -5.21
N ARG A 183 1.59 -16.78 -4.54
CA ARG A 183 0.74 -15.83 -3.80
C ARG A 183 -0.24 -15.14 -4.73
N GLN A 184 0.23 -14.71 -5.91
CA GLN A 184 -0.66 -14.06 -6.87
C GLN A 184 -1.78 -15.00 -7.27
N ALA A 185 -1.45 -16.27 -7.60
CA ALA A 185 -2.48 -17.19 -8.07
C ALA A 185 -3.48 -17.51 -6.95
N VAL A 186 -3.01 -17.66 -5.71
CA VAL A 186 -3.93 -17.96 -4.62
C VAL A 186 -4.87 -16.79 -4.38
N VAL A 187 -4.33 -15.57 -4.37
CA VAL A 187 -5.14 -14.39 -4.10
C VAL A 187 -6.27 -14.27 -5.13
N GLU A 188 -5.98 -14.53 -6.41
CA GLU A 188 -7.03 -14.43 -7.42
C GLU A 188 -8.19 -15.39 -7.13
N VAL A 189 -7.86 -16.62 -6.74
CA VAL A 189 -8.90 -17.62 -6.47
C VAL A 189 -9.68 -17.24 -5.21
N VAL A 190 -8.98 -16.75 -4.18
CA VAL A 190 -9.65 -16.33 -2.96
C VAL A 190 -10.65 -15.22 -3.26
N ARG A 191 -10.24 -14.27 -4.11
CA ARG A 191 -11.13 -13.17 -4.46
C ARG A 191 -12.33 -13.64 -5.26
N LYS A 192 -12.12 -14.53 -6.24
CA LYS A 192 -13.25 -14.98 -7.04
C LYS A 192 -14.26 -15.71 -6.16
N GLU A 193 -13.79 -16.55 -5.24
CA GLU A 193 -14.72 -17.29 -4.37
C GLU A 193 -15.49 -16.34 -3.48
N ARG A 194 -14.80 -15.35 -2.91
CA ARG A 194 -15.46 -14.34 -2.07
C ARG A 194 -16.51 -13.58 -2.86
N GLN A 195 -16.15 -13.13 -4.07
CA GLN A 195 -17.12 -12.48 -4.94
C GLN A 195 -18.32 -13.39 -5.21
N SER A 196 -18.07 -14.69 -5.39
CA SER A 196 -19.14 -15.63 -5.69
C SER A 196 -20.08 -15.81 -4.48
N ARG A 197 -19.52 -15.93 -3.27
CA ARG A 197 -20.35 -16.04 -2.08
C ARG A 197 -21.21 -14.79 -1.86
N ASN A 198 -20.77 -13.64 -2.39
CA ASN A 198 -21.49 -12.37 -2.27
C ASN A 198 -22.65 -12.27 -3.25
N LYS A 199 -23.01 -13.37 -3.91
CA LYS A 199 -24.16 -13.40 -4.78
C LYS A 199 -25.30 -14.19 -4.14
N SER B 5 -12.94 -20.39 11.53
CA SER B 5 -12.24 -21.67 11.52
C SER B 5 -10.71 -21.47 11.59
N HIS B 6 -10.29 -20.45 12.32
CA HIS B 6 -8.91 -20.25 12.68
C HIS B 6 -8.92 -19.96 14.17
N PRO B 7 -8.01 -20.56 14.93
CA PRO B 7 -8.00 -20.35 16.38
C PRO B 7 -7.76 -18.90 16.79
N VAL B 8 -6.98 -18.12 16.02
CA VAL B 8 -6.85 -16.71 16.34
C VAL B 8 -8.22 -16.03 16.29
N LEU B 9 -9.02 -16.37 15.28
CA LEU B 9 -10.32 -15.74 15.13
C LEU B 9 -11.22 -16.08 16.31
N GLU B 10 -11.16 -17.33 16.78
CA GLU B 10 -11.99 -17.70 17.92
C GLU B 10 -11.60 -16.90 19.16
N LYS B 11 -10.30 -16.62 19.34
CA LYS B 11 -9.84 -15.75 20.43
C LYS B 11 -10.37 -14.33 20.27
N LEU B 12 -10.32 -13.80 19.05
CA LEU B 12 -10.85 -12.45 18.82
C LEU B 12 -12.34 -12.38 19.11
N LYS B 13 -13.10 -13.40 18.67
CA LYS B 13 -14.54 -13.37 18.89
C LYS B 13 -14.89 -13.51 20.37
N ALA B 14 -14.07 -14.21 21.16
CA ALA B 14 -14.42 -14.29 22.58
C ALA B 14 -14.12 -12.99 23.32
N ALA B 15 -13.22 -12.15 22.81
CA ALA B 15 -12.89 -10.89 23.45
C ALA B 15 -13.67 -9.69 22.91
N HIS B 16 -14.33 -9.82 21.74
CA HIS B 16 -15.04 -8.72 21.10
C HIS B 16 -16.38 -9.21 20.56
N SER B 17 -17.37 -8.30 20.51
CA SER B 17 -18.71 -8.56 19.99
C SER B 17 -18.93 -7.85 18.65
N TYR B 18 -18.62 -8.53 17.55
CA TYR B 18 -18.78 -8.01 16.21
C TYR B 18 -20.25 -8.04 15.76
N ASN B 19 -20.58 -7.16 14.81
CA ASN B 19 -21.90 -7.13 14.19
C ASN B 19 -23.06 -7.08 15.21
N PRO B 20 -23.13 -6.03 16.04
CA PRO B 20 -24.17 -5.98 17.09
C PRO B 20 -25.57 -5.87 16.51
N LYS B 21 -26.51 -6.63 17.10
CA LYS B 21 -27.88 -6.60 16.61
C LYS B 21 -28.50 -5.21 16.75
N GLU B 22 -28.16 -4.45 17.79
CA GLU B 22 -28.70 -3.10 17.93
C GLU B 22 -27.54 -2.13 17.78
N PHE B 23 -27.63 -1.28 16.77
CA PHE B 23 -26.65 -0.23 16.57
C PHE B 23 -27.37 1.07 16.28
N GLU B 24 -26.89 2.15 16.86
CA GLU B 24 -27.55 3.44 16.67
C GLU B 24 -26.92 4.13 15.48
N TRP B 25 -27.54 3.98 14.32
CA TRP B 25 -27.14 4.69 13.11
C TRP B 25 -27.64 6.12 13.10
N ASN B 26 -28.62 6.44 13.94
CA ASN B 26 -29.19 7.78 14.00
C ASN B 26 -28.38 8.60 15.01
N LEU B 27 -27.19 9.01 14.58
CA LEU B 27 -26.26 9.63 15.50
C LEU B 27 -26.76 10.99 15.94
N LYS B 28 -26.78 11.23 17.24
CA LYS B 28 -27.01 12.60 17.72
C LYS B 28 -25.80 13.48 17.43
N SER B 29 -24.61 12.91 17.40
CA SER B 29 -23.39 13.65 17.10
C SER B 29 -22.34 12.66 16.60
N GLY B 30 -21.24 13.19 16.11
CA GLY B 30 -20.14 12.39 15.61
C GLY B 30 -19.78 12.76 14.17
N ARG B 31 -18.65 12.18 13.72
CA ARG B 31 -18.17 12.35 12.36
C ARG B 31 -17.77 11.01 11.76
N VAL B 32 -17.89 10.91 10.45
CA VAL B 32 -17.75 9.67 9.72
C VAL B 32 -16.82 9.90 8.52
N PHE B 33 -15.84 9.02 8.36
CA PHE B 33 -14.85 9.10 7.29
C PHE B 33 -14.75 7.76 6.57
N ILE B 34 -14.48 7.83 5.27
CA ILE B 34 -14.17 6.67 4.46
C ILE B 34 -12.70 6.33 4.63
N ILE B 35 -12.39 5.05 4.80
CA ILE B 35 -11.02 4.56 4.76
C ILE B 35 -10.87 3.65 3.56
N LYS B 36 -9.90 3.94 2.68
CA LYS B 36 -9.56 3.07 1.57
C LYS B 36 -8.27 2.32 1.94
N SER B 37 -8.38 1.00 2.07
CA SER B 37 -7.23 0.17 2.41
C SER B 37 -6.56 -0.34 1.14
N TYR B 38 -5.23 -0.50 1.21
CA TYR B 38 -4.50 -0.97 0.06
C TYR B 38 -4.68 -2.48 -0.18
N SER B 39 -5.01 -3.26 0.86
CA SER B 39 -5.21 -4.68 0.65
C SER B 39 -6.10 -5.26 1.73
N GLU B 40 -6.63 -6.45 1.44
CA GLU B 40 -7.28 -7.29 2.44
C GLU B 40 -6.39 -7.52 3.64
N ASP B 41 -5.09 -7.71 3.39
CA ASP B 41 -4.16 -8.06 4.46
C ASP B 41 -4.15 -6.99 5.53
N ASP B 42 -4.25 -5.71 5.13
CA ASP B 42 -4.27 -4.62 6.12
C ASP B 42 -5.52 -4.66 6.97
N ILE B 43 -6.68 -5.02 6.37
CA ILE B 43 -7.91 -5.17 7.17
C ILE B 43 -7.73 -6.24 8.23
N HIS B 44 -7.19 -7.40 7.83
CA HIS B 44 -6.92 -8.47 8.78
C HIS B 44 -6.04 -8.00 9.93
N ARG B 45 -4.93 -7.30 9.62
CA ARG B 45 -4.08 -6.79 10.70
C ARG B 45 -4.86 -5.84 11.59
N SER B 46 -5.68 -4.98 10.98
CA SER B 46 -6.39 -4.00 11.77
C SER B 46 -7.33 -4.66 12.76
N ILE B 47 -8.07 -5.68 12.29
CA ILE B 47 -8.98 -6.44 13.16
C ILE B 47 -8.18 -7.19 14.23
N LYS B 48 -7.03 -7.75 13.84
CA LYS B 48 -6.30 -8.62 14.76
C LYS B 48 -5.64 -7.83 15.87
N TYR B 49 -5.13 -6.63 15.55
CA TYR B 49 -4.39 -5.83 16.51
C TYR B 49 -5.14 -4.59 16.96
N SER B 50 -6.36 -4.35 16.44
CA SER B 50 -7.15 -3.17 16.84
C SER B 50 -6.40 -1.85 16.62
N ILE B 51 -5.73 -1.72 15.46
CA ILE B 51 -5.03 -0.48 15.12
C ILE B 51 -5.26 -0.16 13.65
N TRP B 52 -5.01 1.09 13.28
CA TRP B 52 -4.99 1.48 11.89
C TRP B 52 -3.90 2.51 11.67
N CYS B 53 -3.40 2.57 10.43
CA CYS B 53 -2.52 3.63 9.95
C CYS B 53 -3.01 4.10 8.59
N SER B 54 -3.25 5.41 8.45
CA SER B 54 -3.53 5.97 7.13
C SER B 54 -2.22 6.50 6.54
N THR B 55 -2.28 7.29 5.46
CA THR B 55 -1.09 7.98 4.99
C THR B 55 -0.68 9.03 6.02
N GLU B 56 0.43 9.74 5.77
CA GLU B 56 0.84 10.73 6.76
C GLU B 56 -0.12 11.91 6.79
N HIS B 57 -0.61 12.34 5.61
CA HIS B 57 -1.65 13.37 5.60
C HIS B 57 -2.97 12.81 6.12
N GLY B 58 -3.31 11.58 5.76
CA GLY B 58 -4.52 10.97 6.29
C GLY B 58 -4.50 10.85 7.81
N ASN B 59 -3.34 10.50 8.37
CA ASN B 59 -3.22 10.40 9.82
C ASN B 59 -3.41 11.75 10.49
N LYS B 60 -2.90 12.82 9.85
CA LYS B 60 -3.07 14.14 10.45
C LYS B 60 -4.52 14.61 10.33
N ARG B 61 -5.19 14.28 9.23
CA ARG B 61 -6.62 14.61 9.12
C ARG B 61 -7.41 13.91 10.21
N LEU B 62 -7.16 12.62 10.42
CA LEU B 62 -7.93 11.87 11.41
C LEU B 62 -7.57 12.29 12.83
N ASP B 63 -6.29 12.58 13.09
CA ASP B 63 -5.89 13.01 14.43
C ASP B 63 -6.56 14.34 14.80
N SER B 64 -6.59 15.29 13.86
CA SER B 64 -7.26 16.56 14.11
C SER B 64 -8.74 16.37 14.42
N ALA B 65 -9.41 15.50 13.67
CA ALA B 65 -10.83 15.26 13.91
C ALA B 65 -11.07 14.59 15.27
N PHE B 66 -10.23 13.63 15.63
CA PHE B 66 -10.42 12.91 16.89
C PHE B 66 -10.24 13.85 18.08
N ARG B 67 -9.21 14.68 18.08
CA ARG B 67 -8.94 15.57 19.21
C ARG B 67 -9.98 16.69 19.30
N CYS B 68 -10.43 17.21 18.16
CA CYS B 68 -11.46 18.26 18.17
C CYS B 68 -12.78 17.73 18.69
N MET B 69 -13.09 16.46 18.40
CA MET B 69 -14.36 15.86 18.82
C MET B 69 -14.45 15.71 20.33
N SER B 70 -13.32 15.64 21.02
CA SER B 70 -13.29 15.79 22.49
C SER B 70 -14.31 14.90 23.16
N SER B 71 -14.61 13.76 22.53
CA SER B 71 -15.68 12.85 22.94
C SER B 71 -17.05 13.55 22.99
N LYS B 72 -17.24 14.64 22.24
CA LYS B 72 -18.60 15.07 21.90
C LYS B 72 -19.40 13.92 21.30
N GLY B 73 -18.72 13.01 20.63
CA GLY B 73 -19.34 11.95 19.88
C GLY B 73 -18.29 11.07 19.24
N PRO B 74 -18.73 9.97 18.61
CA PRO B 74 -17.79 9.01 18.04
C PRO B 74 -17.19 9.48 16.72
N VAL B 75 -16.05 8.90 16.37
CA VAL B 75 -15.54 8.99 15.01
C VAL B 75 -15.58 7.61 14.42
N TYR B 76 -16.45 7.41 13.43
CA TYR B 76 -16.57 6.12 12.77
C TYR B 76 -15.82 6.14 11.45
N LEU B 77 -15.29 4.98 11.08
CA LEU B 77 -14.51 4.75 9.87
C LEU B 77 -15.18 3.66 9.04
N LEU B 78 -15.47 3.96 7.78
CA LEU B 78 -16.08 3.00 6.86
C LEU B 78 -15.01 2.46 5.93
N PHE B 79 -14.74 1.17 6.03
CA PHE B 79 -13.60 0.57 5.37
C PHE B 79 -13.98 -0.07 4.04
N SER B 80 -13.17 0.17 3.03
CA SER B 80 -13.28 -0.46 1.73
C SER B 80 -11.87 -0.65 1.18
N VAL B 81 -11.60 -1.81 0.60
CA VAL B 81 -10.31 -2.04 -0.04
C VAL B 81 -10.39 -1.62 -1.50
N ASN B 82 -9.37 -0.89 -1.93
CA ASN B 82 -9.31 -0.37 -3.29
C ASN B 82 -9.64 -1.44 -4.32
N GLY B 83 -10.58 -1.11 -5.21
CA GLY B 83 -10.99 -1.99 -6.29
C GLY B 83 -11.90 -3.14 -5.90
N SER B 84 -12.37 -3.22 -4.66
CA SER B 84 -13.08 -4.42 -4.22
C SER B 84 -14.56 -4.43 -4.61
N GLY B 85 -15.17 -3.26 -4.78
CA GLY B 85 -16.59 -3.23 -5.08
C GLY B 85 -17.51 -3.48 -3.89
N HIS B 86 -17.00 -3.52 -2.67
CA HIS B 86 -17.87 -3.57 -1.50
C HIS B 86 -17.17 -2.93 -0.31
N PHE B 87 -17.96 -2.49 0.67
CA PHE B 87 -17.41 -2.14 1.98
C PHE B 87 -17.26 -3.40 2.83
N CYS B 88 -16.23 -3.41 3.67
CA CYS B 88 -15.94 -4.59 4.48
C CYS B 88 -16.16 -4.45 5.97
N GLY B 89 -16.39 -3.25 6.48
CA GLY B 89 -16.83 -3.13 7.85
C GLY B 89 -16.69 -1.70 8.34
N VAL B 90 -16.89 -1.54 9.64
CA VAL B 90 -16.91 -0.22 10.31
C VAL B 90 -16.19 -0.35 11.64
N ALA B 91 -15.25 0.54 11.93
CA ALA B 91 -14.63 0.64 13.22
C ALA B 91 -14.78 2.05 13.78
N GLU B 92 -14.64 2.16 15.09
CA GLU B 92 -14.59 3.44 15.77
C GLU B 92 -13.13 3.78 16.12
N MET B 93 -12.72 5.00 15.83
CA MET B 93 -11.39 5.45 16.23
C MET B 93 -11.34 5.68 17.73
N LYS B 94 -10.29 5.18 18.39
CA LYS B 94 -10.30 5.12 19.86
C LYS B 94 -9.10 5.79 20.54
N SER B 95 -8.20 6.41 19.78
CA SER B 95 -7.06 7.12 20.36
C SER B 95 -6.55 8.12 19.34
N PRO B 96 -5.82 9.14 19.79
CA PRO B 96 -5.10 9.99 18.83
C PRO B 96 -4.00 9.20 18.14
N VAL B 97 -3.41 9.82 17.12
CA VAL B 97 -2.36 9.15 16.36
C VAL B 97 -1.07 9.14 17.18
N ASP B 98 -0.47 7.97 17.27
CA ASP B 98 0.75 7.74 18.05
C ASP B 98 1.95 7.66 17.13
N TYR B 99 2.99 8.45 17.42
CA TYR B 99 4.20 8.49 16.62
C TYR B 99 5.42 7.88 17.30
N GLY B 100 5.34 7.51 18.58
CA GLY B 100 6.50 6.94 19.24
C GLY B 100 6.66 5.45 19.03
N THR B 101 5.63 4.68 19.40
CA THR B 101 5.67 3.23 19.35
C THR B 101 5.54 2.71 17.93
N SER B 102 6.21 1.60 17.65
CA SER B 102 6.13 0.91 16.37
C SER B 102 5.09 -0.20 16.45
N ALA B 103 4.27 -0.32 15.39
CA ALA B 103 3.13 -1.24 15.43
C ALA B 103 3.60 -2.70 15.43
N GLY B 104 4.63 -3.02 14.67
CA GLY B 104 5.14 -4.37 14.61
C GLY B 104 5.98 -4.60 13.37
N VAL B 105 6.45 -5.84 13.25
CA VAL B 105 7.30 -6.24 12.13
C VAL B 105 6.63 -5.94 10.80
N TRP B 106 5.33 -6.20 10.72
CA TRP B 106 4.56 -6.07 9.49
C TRP B 106 4.25 -4.63 9.14
N ASP B 109 10.01 4.01 10.91
CA ASP B 109 8.80 3.21 10.73
C ASP B 109 7.78 3.52 11.81
N LYS B 110 8.26 3.60 13.06
CA LYS B 110 7.42 4.07 14.17
C LYS B 110 6.77 5.40 13.83
N TRP B 111 7.51 6.28 13.13
CA TRP B 111 7.12 7.65 12.86
C TRP B 111 6.04 7.78 11.78
N LYS B 112 5.58 6.67 11.19
CA LYS B 112 4.45 6.77 10.26
C LYS B 112 3.18 7.17 11.01
N GLY B 113 2.96 6.61 12.20
CA GLY B 113 1.77 6.88 12.98
C GLY B 113 0.75 5.76 12.95
N LYS B 114 0.31 5.30 14.12
CA LYS B 114 -0.75 4.30 14.29
C LYS B 114 -1.82 4.88 15.22
N PHE B 115 -3.05 4.39 15.12
CA PHE B 115 -4.02 4.72 16.16
C PHE B 115 -4.91 3.52 16.45
N ASP B 116 -5.44 3.50 17.68
CA ASP B 116 -6.30 2.42 18.11
C ASP B 116 -7.68 2.54 17.46
N VAL B 117 -8.24 1.40 17.07
CA VAL B 117 -9.59 1.31 16.55
C VAL B 117 -10.31 0.17 17.25
N GLN B 118 -11.64 0.29 17.34
CA GLN B 118 -12.50 -0.79 17.82
C GLN B 118 -13.41 -1.16 16.65
N TRP B 119 -13.22 -2.35 16.11
CA TRP B 119 -14.06 -2.82 15.02
C TRP B 119 -15.45 -3.14 15.54
N ILE B 120 -16.47 -2.71 14.80
CA ILE B 120 -17.86 -2.90 15.22
C ILE B 120 -18.55 -3.83 14.24
N PHE B 121 -18.57 -3.47 12.95
CA PHE B 121 -19.13 -4.32 11.92
C PHE B 121 -18.00 -4.92 11.08
N VAL B 122 -18.08 -6.22 10.85
CA VAL B 122 -17.17 -6.95 9.95
C VAL B 122 -18.09 -7.73 9.03
N LYS B 123 -18.26 -7.24 7.80
CA LYS B 123 -19.29 -7.78 6.93
C LYS B 123 -19.13 -7.13 5.56
N ASP B 124 -19.39 -7.90 4.50
CA ASP B 124 -19.33 -7.38 3.15
C ASP B 124 -20.68 -6.80 2.76
N VAL B 125 -20.68 -5.53 2.38
CA VAL B 125 -21.87 -4.84 1.87
C VAL B 125 -21.55 -4.38 0.45
N PRO B 126 -22.19 -4.96 -0.57
CA PRO B 126 -21.85 -4.58 -1.96
C PRO B 126 -22.11 -3.11 -2.24
N ASN B 127 -21.29 -2.56 -3.15
CA ASN B 127 -21.37 -1.13 -3.48
C ASN B 127 -22.73 -0.74 -4.05
N ASN B 128 -23.43 -1.66 -4.71
CA ASN B 128 -24.73 -1.30 -5.28
C ASN B 128 -25.78 -0.99 -4.21
N GLN B 129 -25.50 -1.32 -2.94
CA GLN B 129 -26.40 -0.98 -1.85
C GLN B 129 -26.21 0.44 -1.34
N LEU B 130 -25.09 1.08 -1.68
CA LEU B 130 -24.76 2.39 -1.16
C LEU B 130 -24.54 3.43 -2.25
N ARG B 131 -24.53 3.03 -3.53
CA ARG B 131 -24.15 3.95 -4.61
C ARG B 131 -25.09 5.14 -4.72
N HIS B 132 -26.34 4.99 -4.30
CA HIS B 132 -27.31 6.07 -4.44
C HIS B 132 -27.04 7.25 -3.50
N ILE B 133 -26.15 7.09 -2.52
CA ILE B 133 -25.83 8.15 -1.57
C ILE B 133 -24.67 8.98 -2.13
N ARG B 134 -24.92 10.24 -2.43
CA ARG B 134 -23.92 11.16 -2.97
C ARG B 134 -23.53 12.21 -1.93
N LEU B 135 -22.29 12.71 -2.05
CA LEU B 135 -21.68 13.62 -1.07
C LEU B 135 -21.55 15.02 -1.65
N GLU B 136 -22.37 15.95 -1.14
CA GLU B 136 -22.32 17.34 -1.60
C GLU B 136 -20.98 17.98 -1.30
N ASN B 137 -20.27 17.49 -0.28
CA ASN B 137 -18.95 18.02 0.06
C ASN B 137 -17.84 17.43 -0.81
N ASN B 138 -18.19 16.65 -1.83
CA ASN B 138 -17.24 16.13 -2.80
C ASN B 138 -17.95 16.01 -4.15
N ASP B 139 -18.41 17.16 -4.68
CA ASP B 139 -18.95 17.30 -6.03
C ASP B 139 -20.14 16.39 -6.34
N ASN B 140 -20.95 16.06 -5.32
CA ASN B 140 -22.14 15.22 -5.47
C ASN B 140 -21.82 13.82 -6.01
N LYS B 141 -20.59 13.36 -5.83
CA LYS B 141 -20.20 12.03 -6.26
C LYS B 141 -20.70 10.96 -5.28
N PRO B 142 -20.94 9.73 -5.76
CA PRO B 142 -21.36 8.65 -4.87
C PRO B 142 -20.37 8.42 -3.74
N VAL B 143 -20.91 8.08 -2.56
CA VAL B 143 -20.06 7.71 -1.43
C VAL B 143 -19.20 6.50 -1.76
N THR B 144 -19.65 5.65 -2.69
CA THR B 144 -18.92 4.47 -3.09
C THR B 144 -17.76 4.79 -4.03
N ASN B 145 -17.52 6.07 -4.30
CA ASN B 145 -16.45 6.52 -5.17
C ASN B 145 -15.60 7.56 -4.46
N SER B 146 -15.26 7.32 -3.20
CA SER B 146 -14.53 8.26 -2.37
C SER B 146 -13.07 7.87 -2.25
N ARG B 147 -12.23 8.87 -1.96
CA ARG B 147 -10.84 8.61 -1.65
C ARG B 147 -10.64 8.47 -0.14
N ASP B 148 -9.45 8.03 0.26
CA ASP B 148 -9.14 7.77 1.66
C ASP B 148 -9.29 9.01 2.54
N THR B 149 -9.99 8.84 3.67
CA THR B 149 -10.34 9.87 4.67
C THR B 149 -11.29 10.94 4.14
N GLN B 150 -12.04 10.65 3.08
CA GLN B 150 -13.16 11.49 2.70
C GLN B 150 -14.17 11.51 3.85
N GLU B 151 -14.55 12.71 4.28
CA GLU B 151 -15.56 12.83 5.33
C GLU B 151 -16.97 12.76 4.73
N VAL B 152 -17.85 12.02 5.39
CA VAL B 152 -19.23 11.85 4.96
C VAL B 152 -20.11 12.80 5.76
N PRO B 153 -20.88 13.68 5.12
CA PRO B 153 -21.75 14.58 5.91
C PRO B 153 -22.69 13.80 6.81
N LEU B 154 -23.05 14.43 7.92
CA LEU B 154 -23.73 13.71 8.99
C LEU B 154 -25.00 13.03 8.49
N GLU B 155 -25.82 13.76 7.73
CA GLU B 155 -27.11 13.24 7.28
C GLU B 155 -26.93 12.00 6.42
N LYS B 156 -25.98 12.04 5.48
CA LYS B 156 -25.73 10.90 4.62
C LYS B 156 -25.00 9.79 5.35
N ALA B 157 -24.26 10.12 6.42
CA ALA B 157 -23.58 9.10 7.19
C ALA B 157 -24.57 8.21 7.94
N LYS B 158 -25.64 8.80 8.47
CA LYS B 158 -26.71 7.99 9.07
C LYS B 158 -27.30 7.03 8.05
N GLN B 159 -27.46 7.49 6.80
CA GLN B 159 -28.02 6.65 5.76
C GLN B 159 -27.09 5.51 5.41
N VAL B 160 -25.79 5.76 5.40
CA VAL B 160 -24.83 4.70 5.16
C VAL B 160 -24.78 3.72 6.32
N LEU B 161 -24.67 4.24 7.54
CA LEU B 161 -24.59 3.36 8.70
C LEU B 161 -25.86 2.52 8.85
N LYS B 162 -27.01 3.10 8.56
CA LYS B 162 -28.26 2.33 8.62
C LYS B 162 -28.21 1.16 7.64
N ILE B 163 -27.71 1.39 6.43
CA ILE B 163 -27.66 0.32 5.44
C ILE B 163 -26.64 -0.73 5.84
N ILE B 164 -25.46 -0.32 6.30
CA ILE B 164 -24.44 -1.28 6.67
C ILE B 164 -24.90 -2.13 7.85
N SER B 165 -25.49 -1.48 8.86
CA SER B 165 -25.85 -2.20 10.08
C SER B 165 -26.89 -3.28 9.80
N SER B 166 -27.89 -2.96 8.98
CA SER B 166 -28.99 -3.88 8.74
C SER B 166 -28.75 -4.83 7.58
N TYR B 167 -27.70 -4.66 6.80
CA TYR B 167 -27.52 -5.51 5.64
C TYR B 167 -27.29 -6.97 6.07
N LYS B 168 -28.03 -7.89 5.44
CA LYS B 168 -27.91 -9.32 5.70
C LYS B 168 -26.80 -9.92 4.84
N HIS B 169 -25.56 -9.82 5.32
CA HIS B 169 -24.40 -10.21 4.53
C HIS B 169 -24.27 -11.72 4.42
N THR B 170 -23.67 -12.18 3.31
CA THR B 170 -23.41 -13.59 3.14
C THR B 170 -21.96 -13.96 3.43
N THR B 171 -21.04 -12.99 3.47
CA THR B 171 -19.65 -13.33 3.73
C THR B 171 -18.94 -12.09 4.30
N SER B 172 -17.70 -12.30 4.72
CA SER B 172 -16.86 -11.25 5.29
C SER B 172 -15.44 -11.77 5.30
N ILE B 173 -14.51 -10.89 5.70
CA ILE B 173 -13.11 -11.32 5.77
C ILE B 173 -12.92 -12.47 6.76
N PHE B 174 -13.83 -12.62 7.75
CA PHE B 174 -13.68 -13.73 8.69
C PHE B 174 -13.68 -15.08 8.00
N ASP B 175 -14.35 -15.19 6.84
CA ASP B 175 -14.40 -16.47 6.15
C ASP B 175 -13.06 -16.88 5.53
N ASP B 176 -12.16 -15.93 5.27
CA ASP B 176 -10.82 -16.22 4.75
C ASP B 176 -9.73 -15.93 5.78
N PHE B 177 -10.08 -15.97 7.07
CA PHE B 177 -9.15 -15.52 8.10
C PHE B 177 -7.86 -16.33 8.09
N ALA B 178 -7.97 -17.66 7.94
CA ALA B 178 -6.78 -18.51 7.96
C ALA B 178 -5.84 -18.17 6.80
N HIS B 179 -6.41 -17.84 5.65
CA HIS B 179 -5.61 -17.42 4.50
C HIS B 179 -4.75 -16.21 4.87
N TYR B 180 -5.34 -15.19 5.54
CA TYR B 180 -4.55 -14.01 5.93
C TYR B 180 -3.55 -14.31 7.04
N GLU B 181 -3.89 -15.21 7.96
CA GLU B 181 -2.93 -15.64 8.98
C GLU B 181 -1.69 -16.26 8.35
N LYS B 182 -1.89 -17.18 7.41
CA LYS B 182 -0.77 -17.85 6.77
C LYS B 182 0.08 -16.85 5.98
N ARG B 183 -0.55 -15.92 5.28
CA ARG B 183 0.20 -14.92 4.51
C ARG B 183 1.08 -14.09 5.44
N GLN B 184 0.55 -13.66 6.58
CA GLN B 184 1.35 -12.91 7.54
C GLN B 184 2.59 -13.71 7.95
N ALA B 185 2.40 -14.99 8.30
CA ALA B 185 3.51 -15.79 8.81
C ALA B 185 4.55 -16.03 7.72
N VAL B 186 4.12 -16.19 6.46
CA VAL B 186 5.08 -16.44 5.37
C VAL B 186 5.94 -15.20 5.13
N VAL B 187 5.30 -14.03 5.07
CA VAL B 187 6.03 -12.80 4.77
C VAL B 187 7.12 -12.57 5.81
N GLU B 188 6.81 -12.82 7.09
CA GLU B 188 7.83 -12.63 8.12
C GLU B 188 9.04 -13.52 7.86
N VAL B 189 8.81 -14.78 7.48
CA VAL B 189 9.92 -15.69 7.23
C VAL B 189 10.68 -15.28 5.97
N VAL B 190 9.95 -14.93 4.91
CA VAL B 190 10.56 -14.50 3.65
C VAL B 190 11.46 -13.29 3.88
N ARG B 191 11.00 -12.32 4.68
CA ARG B 191 11.80 -11.13 4.91
C ARG B 191 13.03 -11.44 5.75
N LYS B 192 12.88 -12.27 6.79
CA LYS B 192 14.03 -12.60 7.63
C LYS B 192 15.11 -13.33 6.83
N GLU B 193 14.70 -14.26 5.96
CA GLU B 193 15.68 -15.00 5.16
C GLU B 193 16.39 -14.07 4.17
N ARG B 194 15.62 -13.19 3.52
CA ARG B 194 16.21 -12.24 2.59
C ARG B 194 17.18 -11.30 3.28
N GLN B 195 16.80 -10.76 4.43
CA GLN B 195 17.74 -9.96 5.21
C GLN B 195 19.00 -10.75 5.52
N SER B 196 18.86 -12.02 5.87
CA SER B 196 20.03 -12.83 6.23
C SER B 196 20.91 -13.09 5.02
N ARG B 197 20.31 -13.37 3.85
CA ARG B 197 21.15 -13.58 2.66
C ARG B 197 21.95 -12.32 2.31
N ASN B 198 21.46 -11.14 2.69
CA ASN B 198 22.12 -9.88 2.38
C ASN B 198 23.25 -9.50 3.33
N LYS B 199 23.59 -10.33 4.31
CA LYS B 199 24.78 -10.06 5.14
C LYS B 199 25.88 -11.07 4.87
C01 JVF C . -2.45 -4.72 -2.87
C02 JVF C . -1.20 -4.08 -3.46
C04 JVF C . -0.82 -6.09 -4.73
C05 JVF C . -0.04 -6.64 -5.93
C06 JVF C . -2.05 -4.23 -5.69
C07 JVF C . -1.91 -2.77 -6.12
C09 JVF C . -0.90 -2.73 -8.47
C11 JVF C . 0.36 -2.59 -9.35
C12 JVF C . 1.50 -3.31 -9.00
C13 JVF C . 2.66 -3.22 -9.75
C14 JVF C . 2.71 -2.42 -10.88
C15 JVF C . 1.58 -1.71 -11.23
C16 JVF C . 0.41 -1.78 -10.49
N03 JVF C . -0.97 -4.62 -4.79
N08 JVF C . -0.77 -2.63 -7.02
O10 JVF C . -1.96 -2.93 -8.95
S17 JVF C . -1.00 -0.79 -11.04
C1 EDO D . 11.60 -5.47 -18.21
O1 EDO D . 10.75 -4.44 -17.67
C2 EDO D . 11.00 -6.82 -17.83
O2 EDO D . 11.18 -7.06 -16.43
C1 EDO E . 1.22 -20.05 -9.98
O1 EDO E . 2.27 -20.67 -9.23
C2 EDO E . 1.64 -20.05 -11.45
O2 EDO E . 3.01 -19.63 -11.58
S SCN F . 11.34 -6.60 -3.62
C SCN F . 11.82 -5.92 -2.03
N SCN F . 12.17 -5.54 -0.97
C01 JVF G . 0.05 -6.02 6.09
C02 JVF G . 1.10 -5.59 5.06
C04 JVF G . 1.38 -3.92 3.36
C05 JVF G . 0.13 -3.99 2.47
C06 JVF G . 1.95 -3.44 5.63
C07 JVF G . 1.57 -1.97 5.75
C09 JVF G . 0.54 -1.83 8.08
C11 JVF G . -0.71 -1.70 8.94
C12 JVF G . -1.80 -2.50 8.62
C13 JVF G . -2.97 -2.43 9.35
C14 JVF G . -3.07 -1.57 10.43
C15 JVF G . -1.99 -0.78 10.76
C16 JVF G . -0.80 -0.84 10.03
N03 JVF G . 1.03 -4.17 4.76
N08 JVF G . 0.42 -1.84 6.63
O10 JVF G . 1.61 -1.96 8.59
S17 JVF G . 0.57 0.27 10.52
C1 EDO H . -2.49 -19.17 1.83
O1 EDO H . -3.92 -19.25 2.01
C2 EDO H . -1.95 -20.39 1.11
O2 EDO H . -2.20 -21.57 1.90
S SCN I . -11.27 -7.37 3.47
C SCN I . -11.87 -6.83 1.86
N SCN I . -12.32 -6.48 0.83
#